data_5WIC
#
_entry.id   5WIC
#
_cell.length_a   111.318
_cell.length_b   123.766
_cell.length_c   108.076
_cell.angle_alpha   90.00
_cell.angle_beta   90.00
_cell.angle_gamma   90.00
#
_symmetry.space_group_name_H-M   'C 2 2 21'
#
loop_
_entity.id
_entity.type
_entity.pdbx_description
1 polymer 'Conjugal transfer protein'
2 non-polymer '2-FUROIC ACID'
3 water water
#
_entity_poly.entity_id   1
_entity_poly.type   'polypeptide(L)'
_entity_poly.pdbx_seq_one_letter_code
;AHLLTLNEATHEVQQVKLTRDQTSYGDEIDKFWLTQYVIHRESYDFYSVQVDYTAVGLMSTPNVAESYQSKFKGRNGLDK
VLGDSETTRVKINSVILDKPHGVATIRFTTVRRVRSNPVDDQPQRWIAIMGYEYKSLAMNAEQRYVNPLGFRVTSYRVNP
EVN
;
_entity_poly.pdbx_strand_id   A,B,C,D
#
loop_
_chem_comp.id
_chem_comp.type
_chem_comp.name
_chem_comp.formula
FOA non-polymer '2-FUROIC ACID' 'C5 H4 O3'
#
# COMPACT_ATOMS: atom_id res chain seq x y z
N THR A 19 26.65 12.71 -11.36
CA THR A 19 26.75 14.12 -11.72
C THR A 19 27.94 14.79 -11.04
N ARG A 20 28.55 14.11 -10.07
CA ARG A 20 29.74 14.63 -9.39
C ARG A 20 30.61 13.51 -8.84
N ASP A 21 31.91 13.59 -9.11
CA ASP A 21 32.85 12.61 -8.59
C ASP A 21 33.09 12.79 -7.09
N GLN A 22 32.68 11.79 -6.30
CA GLN A 22 32.98 11.76 -4.87
C GLN A 22 32.74 10.36 -4.31
N THR A 23 33.55 9.96 -3.33
CA THR A 23 33.43 8.64 -2.75
C THR A 23 32.11 8.46 -1.98
N SER A 24 31.74 9.48 -1.21
CA SER A 24 30.59 9.37 -0.30
C SER A 24 29.62 10.53 -0.38
N TYR A 25 28.38 10.27 0.02
CA TYR A 25 27.34 11.29 0.15
C TYR A 25 26.79 11.31 1.57
N GLY A 26 27.53 10.71 2.50
CA GLY A 26 27.10 10.63 3.88
C GLY A 26 26.49 9.29 4.24
N ASP A 27 26.30 9.06 5.53
CA ASP A 27 25.81 7.79 6.04
C ASP A 27 24.51 7.34 5.40
N GLU A 28 23.47 8.17 5.48
CA GLU A 28 22.14 7.72 5.11
C GLU A 28 21.93 7.62 3.60
N ILE A 29 22.67 8.43 2.83
CA ILE A 29 22.55 8.39 1.39
C ILE A 29 23.33 7.20 0.83
N ASP A 30 24.54 7.00 1.36
CA ASP A 30 25.35 5.85 0.97
C ASP A 30 24.60 4.55 1.25
N LYS A 31 24.04 4.45 2.44
CA LYS A 31 23.33 3.27 2.88
C LYS A 31 22.14 2.95 1.97
N PHE A 32 21.48 4.00 1.47
CA PHE A 32 20.32 3.80 0.61
C PHE A 32 20.70 3.08 -0.68
N TRP A 33 21.70 3.58 -1.37
CA TRP A 33 22.15 3.00 -2.59
C TRP A 33 22.73 1.65 -2.42
N LEU A 34 23.52 1.47 -1.39
CA LEU A 34 24.17 0.21 -1.10
C LEU A 34 23.16 -0.90 -0.85
N THR A 35 22.17 -0.62 0.01
CA THR A 35 21.14 -1.59 0.30
C THR A 35 20.23 -1.81 -0.93
N GLN A 36 20.04 -0.75 -1.71
CA GLN A 36 19.26 -0.85 -2.94
C GLN A 36 19.96 -1.74 -3.96
N TYR A 37 21.28 -1.65 -3.99
CA TYR A 37 22.09 -2.46 -4.89
C TYR A 37 21.95 -3.93 -4.53
N VAL A 38 22.12 -4.24 -3.26
CA VAL A 38 22.07 -5.61 -2.78
C VAL A 38 20.71 -6.22 -3.04
N ILE A 39 19.66 -5.43 -2.82
CA ILE A 39 18.31 -5.88 -3.06
C ILE A 39 18.10 -6.18 -4.54
N HIS A 40 18.56 -5.29 -5.41
CA HIS A 40 18.42 -5.49 -6.82
C HIS A 40 19.20 -6.67 -7.30
N ARG A 41 20.37 -6.87 -6.75
CA ARG A 41 21.28 -7.87 -7.26
C ARG A 41 21.06 -9.26 -6.65
N GLU A 42 20.60 -9.32 -5.40
CA GLU A 42 20.49 -10.59 -4.68
C GLU A 42 19.06 -11.11 -4.61
N SER A 43 18.10 -10.27 -4.96
CA SER A 43 16.72 -10.71 -5.09
C SER A 43 16.54 -11.40 -6.44
N TYR A 44 15.49 -12.22 -6.56
CA TYR A 44 15.02 -12.64 -7.86
C TYR A 44 13.50 -12.59 -7.93
N ASP A 45 13.01 -11.80 -8.86
CA ASP A 45 11.59 -11.71 -9.14
C ASP A 45 11.43 -11.49 -10.63
N PHE A 46 10.78 -12.44 -11.29
CA PHE A 46 10.66 -12.42 -12.75
C PHE A 46 9.92 -11.18 -13.21
N TYR A 47 8.97 -10.78 -12.42
CA TYR A 47 8.23 -9.61 -12.71
C TYR A 47 9.09 -8.36 -12.65
N SER A 48 10.11 -8.32 -11.83
CA SER A 48 11.01 -7.17 -11.78
C SER A 48 12.42 -7.34 -12.26
N VAL A 49 12.78 -8.50 -12.77
CA VAL A 49 14.17 -8.80 -13.09
C VAL A 49 14.77 -7.91 -14.14
N GLN A 50 13.99 -7.53 -15.12
CA GLN A 50 14.48 -6.61 -16.13
C GLN A 50 14.88 -5.30 -15.48
N VAL A 51 14.04 -4.80 -14.58
CA VAL A 51 14.35 -3.57 -13.87
C VAL A 51 15.57 -3.75 -12.98
N ASP A 52 15.61 -4.84 -12.22
CA ASP A 52 16.73 -5.13 -11.35
C ASP A 52 18.04 -5.25 -12.14
N TYR A 53 17.97 -5.92 -13.28
CA TYR A 53 19.16 -6.16 -14.12
C TYR A 53 19.74 -4.87 -14.67
N THR A 54 18.87 -3.95 -15.11
CA THR A 54 19.33 -2.68 -15.61
C THR A 54 19.95 -1.85 -14.49
N ALA A 55 19.31 -1.87 -13.33
CA ALA A 55 19.75 -1.10 -12.18
C ALA A 55 21.17 -1.48 -11.77
N VAL A 56 21.41 -2.77 -11.58
CA VAL A 56 22.74 -3.25 -11.23
C VAL A 56 23.78 -2.83 -12.27
N GLY A 57 23.40 -2.88 -13.54
CA GLY A 57 24.31 -2.53 -14.62
C GLY A 57 24.75 -1.08 -14.54
N LEU A 58 23.80 -0.20 -14.29
CA LEU A 58 24.08 1.23 -14.17
C LEU A 58 24.85 1.52 -12.90
N MET A 59 24.60 0.74 -11.85
CA MET A 59 25.19 0.97 -10.55
C MET A 59 26.45 0.13 -10.35
N SER A 60 27.13 -0.18 -11.44
CA SER A 60 28.33 -1.01 -11.38
C SER A 60 29.38 -0.52 -12.37
N THR A 61 30.64 -0.67 -11.98
CA THR A 61 31.72 -0.52 -12.94
C THR A 61 31.56 -1.62 -13.97
N PRO A 62 32.19 -1.47 -15.14
CA PRO A 62 32.10 -2.52 -16.17
C PRO A 62 32.52 -3.90 -15.68
N ASN A 63 33.57 -3.98 -14.86
CA ASN A 63 34.06 -5.26 -14.37
C ASN A 63 33.08 -5.91 -13.39
N VAL A 64 32.52 -5.11 -12.49
CA VAL A 64 31.52 -5.62 -11.56
C VAL A 64 30.29 -6.02 -12.34
N ALA A 65 29.97 -5.24 -13.38
CA ALA A 65 28.81 -5.48 -14.20
C ALA A 65 28.93 -6.80 -14.98
N GLU A 66 30.04 -6.96 -15.68
CA GLU A 66 30.23 -8.13 -16.55
C GLU A 66 30.19 -9.42 -15.77
N SER A 67 30.72 -9.39 -14.55
CA SER A 67 30.70 -10.57 -13.68
C SER A 67 29.27 -10.95 -13.31
N TYR A 68 28.45 -9.93 -13.06
CA TYR A 68 27.05 -10.14 -12.70
C TYR A 68 26.21 -10.56 -13.88
N GLN A 69 26.38 -9.85 -14.99
CA GLN A 69 25.61 -10.09 -16.20
C GLN A 69 25.89 -11.46 -16.80
N SER A 70 26.96 -12.09 -16.35
CA SER A 70 27.41 -13.36 -16.91
C SER A 70 26.36 -14.45 -16.75
N LYS A 71 25.69 -14.46 -15.60
CA LYS A 71 24.73 -15.52 -15.29
C LYS A 71 23.43 -15.38 -16.07
N PHE A 72 23.27 -14.25 -16.78
CA PHE A 72 22.06 -13.99 -17.53
C PHE A 72 22.24 -14.28 -19.01
N LYS A 73 23.48 -14.50 -19.42
CA LYS A 73 23.79 -14.76 -20.82
C LYS A 73 23.50 -16.21 -21.17
N GLY A 74 23.05 -16.43 -22.41
CA GLY A 74 22.96 -17.77 -22.95
C GLY A 74 21.59 -18.40 -22.82
N ARG A 75 21.45 -19.60 -23.38
CA ARG A 75 20.21 -20.34 -23.31
C ARG A 75 19.85 -20.63 -21.87
N ASN A 76 20.87 -20.88 -21.06
CA ASN A 76 20.67 -21.15 -19.64
C ASN A 76 20.79 -19.88 -18.78
N GLY A 77 20.51 -18.72 -19.40
CA GLY A 77 20.45 -17.48 -18.67
C GLY A 77 19.44 -17.63 -17.52
N LEU A 78 19.78 -17.07 -16.36
CA LEU A 78 19.00 -17.28 -15.14
C LEU A 78 17.51 -17.08 -15.36
N ASP A 79 17.13 -15.96 -15.98
CA ASP A 79 15.72 -15.65 -16.17
C ASP A 79 15.08 -16.54 -17.23
N LYS A 80 15.90 -17.11 -18.11
CA LYS A 80 15.40 -18.03 -19.11
C LYS A 80 15.13 -19.40 -18.49
N VAL A 81 15.94 -19.78 -17.51
CA VAL A 81 15.79 -21.06 -16.81
C VAL A 81 14.71 -20.95 -15.73
N LEU A 82 14.98 -20.14 -14.72
CA LEU A 82 14.08 -19.99 -13.58
C LEU A 82 12.69 -19.53 -13.99
N GLY A 83 12.63 -18.54 -14.88
CA GLY A 83 11.39 -17.89 -15.20
C GLY A 83 10.67 -17.44 -13.93
N ASP A 84 9.38 -17.76 -13.85
CA ASP A 84 8.57 -17.38 -12.69
C ASP A 84 8.39 -18.56 -11.74
N SER A 85 9.20 -19.61 -11.91
CA SER A 85 9.05 -20.81 -11.11
C SER A 85 9.38 -20.57 -9.64
N GLU A 86 10.11 -19.50 -9.36
CA GLU A 86 10.55 -19.23 -8.00
C GLU A 86 10.86 -17.77 -7.79
N THR A 87 11.05 -17.41 -6.53
CA THR A 87 11.34 -16.04 -6.14
C THR A 87 12.23 -16.01 -4.91
N THR A 88 13.09 -15.01 -4.82
CA THR A 88 13.94 -14.81 -3.66
C THR A 88 13.91 -13.35 -3.23
N ARG A 89 13.55 -13.12 -1.97
CA ARG A 89 13.48 -11.77 -1.42
C ARG A 89 14.63 -11.55 -0.45
N VAL A 90 15.02 -10.30 -0.31
CA VAL A 90 16.15 -9.92 0.55
C VAL A 90 15.66 -9.17 1.78
N LYS A 91 16.35 -9.41 2.89
CA LYS A 91 16.14 -8.64 4.11
C LYS A 91 17.50 -8.13 4.60
N ILE A 92 17.68 -6.81 4.60
CA ILE A 92 18.92 -6.21 5.10
C ILE A 92 18.93 -6.25 6.62
N ASN A 93 19.95 -6.86 7.20
CA ASN A 93 20.07 -6.97 8.65
C ASN A 93 20.86 -5.82 9.25
N SER A 94 21.96 -5.44 8.60
CA SER A 94 22.81 -4.38 9.11
C SER A 94 23.77 -3.87 8.04
N VAL A 95 24.23 -2.63 8.21
CA VAL A 95 25.18 -2.01 7.30
C VAL A 95 26.26 -1.26 8.08
N ILE A 96 27.51 -1.55 7.74
CA ILE A 96 28.64 -0.86 8.34
C ILE A 96 29.42 -0.11 7.26
N LEU A 97 29.46 1.21 7.35
CA LEU A 97 30.12 2.05 6.37
C LEU A 97 31.53 2.42 6.76
N ASP A 98 32.40 2.46 5.77
CA ASP A 98 33.71 3.09 5.88
C ASP A 98 33.79 4.11 4.77
N LYS A 99 33.15 5.27 4.99
CA LYS A 99 32.96 6.27 3.95
C LYS A 99 34.27 6.79 3.35
N PRO A 100 35.27 7.08 4.19
CA PRO A 100 36.55 7.57 3.66
C PRO A 100 37.16 6.71 2.54
N HIS A 101 36.97 5.41 2.61
CA HIS A 101 37.51 4.48 1.64
C HIS A 101 36.54 3.85 0.72
N GLY A 102 35.30 4.29 0.79
CA GLY A 102 34.24 3.76 -0.05
C GLY A 102 34.07 2.26 0.09
N VAL A 103 34.14 1.79 1.34
CA VAL A 103 33.97 0.37 1.64
C VAL A 103 32.75 0.19 2.53
N ALA A 104 32.05 -0.93 2.37
CA ALA A 104 30.85 -1.21 3.16
C ALA A 104 30.69 -2.71 3.37
N THR A 105 30.15 -3.06 4.54
CA THR A 105 29.83 -4.44 4.86
C THR A 105 28.33 -4.52 5.13
N ILE A 106 27.64 -5.35 4.37
CA ILE A 106 26.21 -5.51 4.52
C ILE A 106 25.84 -6.95 4.79
N ARG A 107 25.20 -7.17 5.93
CA ARG A 107 24.68 -8.47 6.29
C ARG A 107 23.22 -8.53 5.90
N PHE A 108 22.84 -9.57 5.16
CA PHE A 108 21.47 -9.70 4.70
C PHE A 108 21.00 -11.15 4.65
N THR A 109 19.68 -11.30 4.64
CA THR A 109 19.04 -12.59 4.63
C THR A 109 18.23 -12.75 3.35
N THR A 110 18.34 -13.93 2.73
CA THR A 110 17.51 -14.27 1.58
C THR A 110 16.52 -15.38 1.95
N VAL A 111 15.27 -15.22 1.49
CA VAL A 111 14.24 -16.23 1.66
C VAL A 111 13.72 -16.67 0.30
N ARG A 112 14.09 -17.89 -0.10
CA ARG A 112 13.72 -18.41 -1.40
C ARG A 112 12.40 -19.16 -1.32
N ARG A 113 11.56 -18.96 -2.33
CA ARG A 113 10.29 -19.66 -2.43
C ARG A 113 10.13 -20.30 -3.80
N VAL A 114 10.07 -21.63 -3.82
CA VAL A 114 9.75 -22.38 -5.03
C VAL A 114 8.23 -22.45 -5.15
N ARG A 115 7.71 -21.96 -6.27
CA ARG A 115 6.25 -21.85 -6.46
C ARG A 115 5.55 -23.21 -6.44
N SER A 116 6.31 -24.30 -6.49
CA SER A 116 5.74 -25.65 -6.43
C SER A 116 5.79 -26.20 -5.02
N ASN A 117 6.07 -25.34 -4.04
CA ASN A 117 6.10 -25.75 -2.64
C ASN A 117 5.12 -24.93 -1.81
N PRO A 118 4.57 -25.54 -0.75
CA PRO A 118 3.58 -24.83 0.06
C PRO A 118 4.20 -23.74 0.93
N VAL A 119 5.44 -23.97 1.38
CA VAL A 119 6.12 -23.03 2.26
C VAL A 119 7.44 -22.54 1.65
N ASP A 120 8.00 -21.47 2.23
CA ASP A 120 9.27 -20.94 1.78
C ASP A 120 10.42 -21.84 2.20
N ASP A 121 11.56 -21.69 1.53
CA ASP A 121 12.78 -22.33 1.97
C ASP A 121 13.25 -21.71 3.29
N GLN A 122 14.21 -22.37 3.94
CA GLN A 122 14.81 -21.80 5.13
C GLN A 122 15.62 -20.57 4.76
N PRO A 123 15.59 -19.53 5.61
CA PRO A 123 16.41 -18.35 5.33
C PRO A 123 17.90 -18.65 5.28
N GLN A 124 18.64 -17.89 4.50
CA GLN A 124 20.09 -17.99 4.42
C GLN A 124 20.70 -16.64 4.75
N ARG A 125 21.85 -16.63 5.45
CA ARG A 125 22.48 -15.39 5.89
C ARG A 125 23.77 -15.13 5.13
N TRP A 126 23.95 -13.91 4.66
CA TRP A 126 25.11 -13.56 3.87
C TRP A 126 25.75 -12.25 4.27
N ILE A 127 27.03 -12.12 3.96
CA ILE A 127 27.79 -10.89 4.19
C ILE A 127 28.30 -10.36 2.86
N ALA A 128 27.94 -9.12 2.54
CA ALA A 128 28.40 -8.48 1.32
C ALA A 128 29.50 -7.46 1.60
N ILE A 129 30.70 -7.76 1.11
CA ILE A 129 31.81 -6.80 1.16
C ILE A 129 31.82 -6.00 -0.12
N MET A 130 31.62 -4.70 0.00
CA MET A 130 31.41 -3.85 -1.16
C MET A 130 32.38 -2.68 -1.19
N GLY A 131 32.76 -2.31 -2.41
CA GLY A 131 33.47 -1.07 -2.65
C GLY A 131 32.57 -0.19 -3.50
N TYR A 132 32.48 1.10 -3.18
CA TYR A 132 31.60 1.99 -3.92
C TYR A 132 32.19 3.39 -4.10
N GLU A 133 31.54 4.14 -4.98
CA GLU A 133 31.97 5.49 -5.36
C GLU A 133 30.83 6.21 -6.08
N TYR A 134 30.99 7.50 -6.33
CA TYR A 134 30.07 8.21 -7.20
C TYR A 134 30.89 8.84 -8.32
N LYS A 135 30.36 8.79 -9.53
CA LYS A 135 31.04 9.34 -10.68
C LYS A 135 30.11 10.19 -11.52
N SER A 136 30.64 11.32 -11.98
CA SER A 136 29.94 12.16 -12.94
C SER A 136 30.14 11.58 -14.33
N LEU A 137 29.06 11.07 -14.91
CA LEU A 137 29.13 10.47 -16.25
C LEU A 137 27.96 10.93 -17.11
N ALA A 138 28.13 10.82 -18.42
CA ALA A 138 27.04 11.08 -19.35
C ALA A 138 25.92 10.09 -19.08
N MET A 139 24.69 10.59 -19.02
CA MET A 139 23.57 9.79 -18.58
C MET A 139 22.28 10.29 -19.24
N ASN A 140 21.55 9.38 -19.88
CA ASN A 140 20.35 9.76 -20.61
C ASN A 140 19.17 10.04 -19.68
N ALA A 141 17.96 10.06 -20.23
CA ALA A 141 16.77 10.39 -19.47
C ALA A 141 16.42 9.30 -18.45
N GLU A 142 16.16 8.09 -18.93
CA GLU A 142 15.71 7.01 -18.07
C GLU A 142 16.87 6.35 -17.32
N GLN A 143 18.09 6.85 -17.53
CA GLN A 143 19.25 6.40 -16.76
C GLN A 143 19.39 7.22 -15.48
N ARG A 144 19.30 8.54 -15.59
CA ARG A 144 19.32 9.42 -14.44
C ARG A 144 18.14 9.15 -13.53
N TYR A 145 17.07 8.62 -14.12
CA TYR A 145 15.85 8.31 -13.39
C TYR A 145 16.03 7.10 -12.49
N VAL A 146 17.16 6.40 -12.65
CA VAL A 146 17.43 5.19 -11.87
C VAL A 146 18.66 5.38 -10.99
N ASN A 147 19.66 6.11 -11.50
CA ASN A 147 20.92 6.30 -10.79
C ASN A 147 21.37 7.76 -10.89
N PRO A 148 20.56 8.69 -10.36
CA PRO A 148 20.77 10.14 -10.53
C PRO A 148 22.16 10.62 -10.12
N LEU A 149 22.67 10.09 -9.01
CA LEU A 149 23.93 10.56 -8.46
C LEU A 149 25.13 9.80 -9.01
N GLY A 150 24.87 8.89 -9.93
CA GLY A 150 25.93 8.13 -10.56
C GLY A 150 26.62 7.17 -9.62
N PHE A 151 25.86 6.65 -8.64
CA PHE A 151 26.39 5.66 -7.71
C PHE A 151 26.83 4.43 -8.47
N ARG A 152 27.96 3.86 -8.09
CA ARG A 152 28.38 2.59 -8.65
C ARG A 152 29.27 1.78 -7.71
N VAL A 153 29.06 0.46 -7.72
CA VAL A 153 29.87 -0.46 -6.94
C VAL A 153 31.15 -0.79 -7.69
N THR A 154 32.28 -0.68 -7.00
CA THR A 154 33.58 -0.89 -7.62
C THR A 154 34.15 -2.27 -7.30
N SER A 155 33.64 -2.90 -6.24
CA SER A 155 33.99 -4.28 -5.93
C SER A 155 32.86 -4.91 -5.11
N TYR A 156 32.68 -6.22 -5.28
CA TYR A 156 31.54 -6.92 -4.71
C TYR A 156 31.83 -8.41 -4.54
N ARG A 157 31.82 -8.87 -3.30
CA ARG A 157 31.89 -10.30 -3.02
C ARG A 157 30.97 -10.65 -1.87
N VAL A 158 30.24 -11.74 -2.04
CA VAL A 158 29.30 -12.21 -1.05
C VAL A 158 29.78 -13.53 -0.48
N ASN A 159 29.65 -13.69 0.82
CA ASN A 159 30.01 -14.93 1.49
C ASN A 159 28.94 -15.30 2.50
N PRO A 160 28.78 -16.59 2.79
CA PRO A 160 27.82 -16.99 3.83
C PRO A 160 28.25 -16.51 5.22
N GLU A 161 27.27 -16.24 6.07
CA GLU A 161 27.54 -15.91 7.46
C GLU A 161 28.04 -17.15 8.19
N ARG B 20 -16.23 -20.06 -13.57
CA ARG B 20 -15.10 -20.07 -14.49
C ARG B 20 -13.77 -20.13 -13.73
N ASP B 21 -12.85 -20.96 -14.22
CA ASP B 21 -11.54 -21.07 -13.60
C ASP B 21 -10.68 -19.85 -13.95
N GLN B 22 -10.27 -19.12 -12.93
CA GLN B 22 -9.33 -18.00 -13.11
C GLN B 22 -8.84 -17.52 -11.76
N THR B 23 -7.58 -17.11 -11.72
CA THR B 23 -6.96 -16.68 -10.48
C THR B 23 -7.53 -15.37 -9.95
N SER B 24 -7.89 -14.44 -10.83
CA SER B 24 -8.31 -13.11 -10.41
C SER B 24 -9.50 -12.55 -11.19
N TYR B 25 -10.19 -11.59 -10.55
CA TYR B 25 -11.29 -10.87 -11.16
C TYR B 25 -11.02 -9.36 -11.10
N GLY B 26 -9.76 -9.00 -10.93
CA GLY B 26 -9.36 -7.60 -10.87
C GLY B 26 -9.27 -7.10 -9.44
N ASP B 27 -8.71 -5.90 -9.28
CA ASP B 27 -8.45 -5.35 -7.94
C ASP B 27 -9.70 -5.22 -7.08
N GLU B 28 -10.74 -4.58 -7.62
CA GLU B 28 -11.91 -4.24 -6.80
C GLU B 28 -12.69 -5.49 -6.39
N ILE B 29 -12.82 -6.44 -7.32
CA ILE B 29 -13.57 -7.65 -7.03
C ILE B 29 -12.78 -8.56 -6.10
N ASP B 30 -11.50 -8.75 -6.38
CA ASP B 30 -10.63 -9.56 -5.53
C ASP B 30 -10.66 -9.05 -4.10
N LYS B 31 -10.50 -7.74 -3.94
CA LYS B 31 -10.46 -7.13 -2.62
C LYS B 31 -11.78 -7.36 -1.87
N PHE B 32 -12.89 -7.36 -2.60
CA PHE B 32 -14.18 -7.60 -1.97
C PHE B 32 -14.25 -8.99 -1.34
N TRP B 33 -14.00 -10.02 -2.14
CA TRP B 33 -14.11 -11.39 -1.68
C TRP B 33 -13.14 -11.70 -0.57
N LEU B 34 -11.92 -11.19 -0.70
CA LEU B 34 -10.88 -11.43 0.28
C LEU B 34 -11.24 -10.79 1.61
N THR B 35 -11.67 -9.53 1.57
CA THR B 35 -12.07 -8.85 2.80
C THR B 35 -13.28 -9.54 3.40
N GLN B 36 -14.19 -10.00 2.55
CA GLN B 36 -15.35 -10.75 3.03
C GLN B 36 -14.96 -12.05 3.71
N TYR B 37 -13.86 -12.65 3.26
CA TYR B 37 -13.39 -13.90 3.82
C TYR B 37 -12.81 -13.67 5.21
N VAL B 38 -11.96 -12.66 5.32
CA VAL B 38 -11.36 -12.29 6.59
C VAL B 38 -12.42 -11.89 7.61
N ILE B 39 -13.49 -11.26 7.14
CA ILE B 39 -14.54 -10.79 8.03
C ILE B 39 -15.34 -11.99 8.53
N HIS B 40 -15.69 -12.88 7.64
CA HIS B 40 -16.41 -14.07 7.97
C HIS B 40 -15.64 -14.98 8.89
N ARG B 41 -14.34 -15.00 8.75
CA ARG B 41 -13.49 -15.97 9.44
C ARG B 41 -12.91 -15.42 10.75
N GLU B 42 -12.65 -14.13 10.81
CA GLU B 42 -12.02 -13.55 11.98
C GLU B 42 -13.01 -12.86 12.92
N SER B 43 -14.21 -12.56 12.42
CA SER B 43 -15.27 -12.04 13.27
C SER B 43 -15.84 -13.17 14.12
N TYR B 44 -16.49 -12.83 15.22
CA TYR B 44 -17.28 -13.80 15.97
C TYR B 44 -18.55 -13.19 16.55
N ASP B 45 -19.69 -13.57 15.98
CA ASP B 45 -20.98 -13.22 16.51
C ASP B 45 -21.88 -14.44 16.45
N PHE B 46 -22.36 -14.88 17.60
CA PHE B 46 -23.15 -16.10 17.70
C PHE B 46 -24.42 -15.99 16.84
N TYR B 47 -24.89 -14.77 16.63
CA TYR B 47 -26.11 -14.55 15.86
C TYR B 47 -25.91 -14.74 14.36
N SER B 48 -24.66 -14.88 13.93
CA SER B 48 -24.35 -15.05 12.52
C SER B 48 -23.21 -16.03 12.28
N VAL B 49 -22.88 -16.83 13.29
CA VAL B 49 -21.74 -17.75 13.19
C VAL B 49 -22.02 -18.87 12.19
N GLN B 50 -23.28 -19.27 12.07
CA GLN B 50 -23.67 -20.34 11.15
C GLN B 50 -23.38 -19.92 9.71
N VAL B 51 -23.83 -18.72 9.34
CA VAL B 51 -23.65 -18.20 8.00
C VAL B 51 -22.17 -17.91 7.76
N ASP B 52 -21.49 -17.38 8.77
CA ASP B 52 -20.05 -17.17 8.70
C ASP B 52 -19.36 -18.50 8.42
N TYR B 53 -19.59 -19.46 9.29
CA TYR B 53 -19.04 -20.81 9.17
C TYR B 53 -19.31 -21.40 7.78
N THR B 54 -20.54 -21.24 7.32
CA THR B 54 -20.94 -21.76 6.03
C THR B 54 -20.18 -21.07 4.90
N ALA B 55 -20.08 -19.75 4.97
CA ALA B 55 -19.40 -18.97 3.94
C ALA B 55 -17.93 -19.32 3.84
N VAL B 56 -17.25 -19.41 4.99
CA VAL B 56 -15.83 -19.78 4.99
C VAL B 56 -15.66 -21.14 4.34
N GLY B 57 -16.65 -22.00 4.52
CA GLY B 57 -16.62 -23.33 3.95
C GLY B 57 -16.70 -23.30 2.44
N LEU B 58 -17.63 -22.50 1.91
CA LEU B 58 -17.79 -22.39 0.46
C LEU B 58 -16.58 -21.73 -0.19
N MET B 59 -15.99 -20.77 0.51
CA MET B 59 -14.91 -19.95 -0.03
C MET B 59 -13.54 -20.47 0.36
N SER B 60 -13.44 -21.78 0.57
CA SER B 60 -12.16 -22.40 0.93
C SER B 60 -11.94 -23.68 0.13
N THR B 61 -10.67 -24.02 -0.08
CA THR B 61 -10.34 -25.34 -0.56
C THR B 61 -10.58 -26.31 0.61
N PRO B 62 -10.84 -27.59 0.31
CA PRO B 62 -11.10 -28.56 1.36
C PRO B 62 -10.04 -28.58 2.45
N ASN B 63 -8.77 -28.44 2.06
CA ASN B 63 -7.68 -28.41 3.03
C ASN B 63 -7.76 -27.19 3.94
N VAL B 64 -8.11 -26.04 3.37
CA VAL B 64 -8.25 -24.81 4.13
C VAL B 64 -9.52 -24.88 4.98
N ALA B 65 -10.58 -25.44 4.42
CA ALA B 65 -11.85 -25.55 5.11
C ALA B 65 -11.72 -26.47 6.32
N GLU B 66 -11.22 -27.68 6.07
CA GLU B 66 -11.10 -28.70 7.10
C GLU B 66 -10.28 -28.18 8.28
N SER B 67 -9.20 -27.46 7.98
CA SER B 67 -8.32 -26.93 9.01
C SER B 67 -9.03 -25.84 9.82
N TYR B 68 -9.99 -25.18 9.19
CA TYR B 68 -10.75 -24.11 9.82
C TYR B 68 -11.93 -24.65 10.62
N GLN B 69 -12.53 -25.71 10.12
CA GLN B 69 -13.70 -26.31 10.74
C GLN B 69 -13.32 -27.09 11.99
N SER B 70 -12.04 -27.44 12.10
CA SER B 70 -11.52 -28.22 13.21
C SER B 70 -11.87 -27.58 14.55
N LYS B 71 -11.89 -26.25 14.56
CA LYS B 71 -12.09 -25.48 15.78
C LYS B 71 -13.52 -25.58 16.29
N PHE B 72 -14.43 -25.94 15.39
CA PHE B 72 -15.86 -25.96 15.71
C PHE B 72 -16.36 -27.36 16.04
N LYS B 73 -15.46 -28.34 16.05
CA LYS B 73 -15.83 -29.72 16.34
C LYS B 73 -15.61 -30.06 17.80
N GLY B 74 -16.37 -31.03 18.30
CA GLY B 74 -16.17 -31.56 19.64
C GLY B 74 -16.91 -30.80 20.71
N ARG B 75 -16.77 -31.29 21.95
CA ARG B 75 -17.42 -30.68 23.10
C ARG B 75 -16.95 -29.24 23.28
N ASN B 76 -15.66 -29.01 23.05
CA ASN B 76 -15.07 -27.68 23.21
C ASN B 76 -15.02 -26.90 21.90
N GLY B 77 -15.98 -27.17 21.02
CA GLY B 77 -16.13 -26.39 19.80
C GLY B 77 -16.36 -24.93 20.13
N LEU B 78 -15.79 -24.04 19.32
CA LEU B 78 -15.77 -22.61 19.61
C LEU B 78 -17.15 -22.05 19.96
N ASP B 79 -18.11 -22.25 19.06
CA ASP B 79 -19.46 -21.71 19.28
C ASP B 79 -20.15 -22.37 20.46
N LYS B 80 -19.69 -23.56 20.83
CA LYS B 80 -20.29 -24.30 21.94
C LYS B 80 -19.66 -23.90 23.27
N VAL B 81 -18.45 -23.37 23.22
CA VAL B 81 -17.78 -22.87 24.41
C VAL B 81 -18.15 -21.42 24.64
N LEU B 82 -17.88 -20.57 23.64
CA LEU B 82 -18.11 -19.13 23.76
C LEU B 82 -19.60 -18.80 23.85
N GLY B 83 -20.38 -19.38 22.95
CA GLY B 83 -21.77 -19.02 22.83
C GLY B 83 -21.91 -17.54 22.48
N ASP B 84 -22.86 -16.89 23.12
CA ASP B 84 -23.09 -15.46 22.91
C ASP B 84 -22.42 -14.65 24.01
N SER B 85 -21.47 -15.25 24.70
CA SER B 85 -20.83 -14.61 25.86
C SER B 85 -19.93 -13.45 25.45
N GLU B 86 -19.47 -13.47 24.21
CA GLU B 86 -18.56 -12.43 23.72
C GLU B 86 -18.75 -12.20 22.23
N THR B 87 -18.15 -11.12 21.73
CA THR B 87 -18.21 -10.80 20.31
C THR B 87 -16.91 -10.19 19.84
N THR B 88 -16.55 -10.46 18.59
CA THR B 88 -15.38 -9.87 17.97
C THR B 88 -15.76 -9.33 16.59
N ARG B 89 -15.48 -8.05 16.37
CA ARG B 89 -15.72 -7.42 15.08
C ARG B 89 -14.41 -7.15 14.37
N VAL B 90 -14.45 -7.06 13.05
CA VAL B 90 -13.26 -6.87 12.22
C VAL B 90 -13.33 -5.57 11.45
N LYS B 91 -12.21 -4.86 11.40
CA LYS B 91 -12.05 -3.73 10.51
C LYS B 91 -10.83 -3.94 9.63
N ILE B 92 -11.03 -3.88 8.31
CA ILE B 92 -9.95 -4.02 7.36
C ILE B 92 -9.17 -2.72 7.26
N ASN B 93 -7.86 -2.80 7.43
CA ASN B 93 -7.00 -1.62 7.39
C ASN B 93 -6.37 -1.43 6.02
N SER B 94 -5.87 -2.51 5.43
CA SER B 94 -5.29 -2.44 4.09
C SER B 94 -5.29 -3.80 3.40
N VAL B 95 -5.34 -3.76 2.08
CA VAL B 95 -5.29 -4.95 1.25
C VAL B 95 -4.31 -4.72 0.10
N ILE B 96 -3.25 -5.53 0.07
CA ILE B 96 -2.27 -5.51 -1.01
C ILE B 96 -2.43 -6.77 -1.86
N LEU B 97 -2.52 -6.59 -3.17
CA LEU B 97 -2.77 -7.71 -4.09
C LEU B 97 -1.56 -8.09 -4.93
N ASP B 98 -1.47 -9.37 -5.23
CA ASP B 98 -0.56 -9.91 -6.23
C ASP B 98 -1.39 -10.81 -7.12
N LYS B 99 -2.15 -10.20 -8.03
CA LYS B 99 -3.16 -10.91 -8.81
C LYS B 99 -2.60 -12.08 -9.64
N PRO B 100 -1.44 -11.90 -10.28
CA PRO B 100 -0.88 -13.00 -11.08
C PRO B 100 -0.68 -14.30 -10.29
N HIS B 101 -0.33 -14.19 -9.02
CA HIS B 101 -0.13 -15.32 -8.16
C HIS B 101 -1.23 -15.62 -7.22
N GLY B 102 -2.28 -14.84 -7.28
CA GLY B 102 -3.42 -15.02 -6.40
C GLY B 102 -2.99 -14.98 -4.95
N VAL B 103 -2.08 -14.07 -4.63
CA VAL B 103 -1.63 -13.86 -3.26
C VAL B 103 -2.03 -12.47 -2.79
N ALA B 104 -2.46 -12.39 -1.54
CA ALA B 104 -2.90 -11.13 -0.95
C ALA B 104 -2.42 -11.03 0.49
N THR B 105 -2.00 -9.83 0.87
CA THR B 105 -1.59 -9.53 2.24
C THR B 105 -2.55 -8.50 2.83
N ILE B 106 -3.33 -8.93 3.83
CA ILE B 106 -4.37 -8.10 4.41
C ILE B 106 -4.13 -7.80 5.87
N ARG B 107 -4.07 -6.52 6.19
CA ARG B 107 -3.92 -6.06 7.56
C ARG B 107 -5.29 -5.65 8.09
N PHE B 108 -5.60 -6.09 9.30
CA PHE B 108 -6.89 -5.79 9.90
C PHE B 108 -6.82 -5.70 11.42
N THR B 109 -7.87 -5.13 11.99
CA THR B 109 -7.97 -4.96 13.43
C THR B 109 -9.17 -5.73 13.96
N THR B 110 -8.99 -6.35 15.12
CA THR B 110 -10.09 -7.01 15.82
C THR B 110 -10.37 -6.29 17.14
N VAL B 111 -11.66 -6.09 17.41
CA VAL B 111 -12.11 -5.52 18.67
C VAL B 111 -13.06 -6.49 19.36
N ARG B 112 -12.63 -7.02 20.50
CA ARG B 112 -13.38 -8.05 21.20
C ARG B 112 -14.19 -7.46 22.35
N ARG B 113 -15.45 -7.90 22.50
CA ARG B 113 -16.30 -7.44 23.58
C ARG B 113 -16.88 -8.59 24.41
N VAL B 114 -16.33 -8.79 25.61
CA VAL B 114 -16.91 -9.73 26.57
C VAL B 114 -18.16 -9.11 27.18
N ARG B 115 -19.32 -9.70 26.91
CA ARG B 115 -20.59 -9.09 27.30
C ARG B 115 -20.72 -8.84 28.81
N SER B 116 -19.90 -9.49 29.61
CA SER B 116 -19.93 -9.29 31.06
C SER B 116 -19.07 -8.10 31.46
N ASN B 117 -18.35 -7.52 30.50
CA ASN B 117 -17.54 -6.33 30.74
C ASN B 117 -18.29 -5.07 30.35
N PRO B 118 -17.94 -3.93 30.96
CA PRO B 118 -18.62 -2.67 30.64
C PRO B 118 -18.26 -2.11 29.27
N VAL B 119 -17.04 -2.36 28.81
CA VAL B 119 -16.56 -1.80 27.55
C VAL B 119 -15.84 -2.85 26.69
N ASP B 120 -15.55 -2.48 25.44
CA ASP B 120 -14.78 -3.34 24.55
C ASP B 120 -13.35 -3.49 25.03
N ASP B 121 -12.72 -4.60 24.65
CA ASP B 121 -11.29 -4.80 24.92
C ASP B 121 -10.48 -3.90 24.00
N GLN B 122 -9.17 -3.89 24.20
CA GLN B 122 -8.28 -3.11 23.34
C GLN B 122 -8.28 -3.71 21.94
N PRO B 123 -8.13 -2.86 20.90
CA PRO B 123 -8.02 -3.39 19.55
C PRO B 123 -6.76 -4.24 19.35
N GLN B 124 -6.81 -5.19 18.43
CA GLN B 124 -5.67 -6.02 18.10
C GLN B 124 -5.42 -6.04 16.58
N ARG B 125 -4.16 -5.79 16.19
CA ARG B 125 -3.81 -5.66 14.78
C ARG B 125 -3.11 -6.92 14.25
N TRP B 126 -3.52 -7.36 13.08
CA TRP B 126 -3.07 -8.59 12.47
C TRP B 126 -2.67 -8.52 11.04
N ILE B 127 -1.95 -9.53 10.58
CA ILE B 127 -1.56 -9.63 9.17
C ILE B 127 -1.93 -10.98 8.61
N ALA B 128 -2.79 -10.99 7.59
CA ALA B 128 -3.20 -12.22 6.91
C ALA B 128 -2.50 -12.37 5.57
N ILE B 129 -1.80 -13.49 5.41
CA ILE B 129 -1.21 -13.87 4.13
C ILE B 129 -2.11 -14.91 3.49
N MET B 130 -2.71 -14.57 2.35
CA MET B 130 -3.73 -15.40 1.74
C MET B 130 -3.37 -15.81 0.32
N GLY B 131 -3.78 -17.02 -0.04
CA GLY B 131 -3.76 -17.47 -1.41
C GLY B 131 -5.20 -17.59 -1.85
N TYR B 132 -5.50 -17.24 -3.10
CA TYR B 132 -6.87 -17.30 -3.56
C TYR B 132 -6.98 -17.63 -5.04
N GLU B 133 -8.20 -17.98 -5.45
CA GLU B 133 -8.51 -18.40 -6.81
C GLU B 133 -10.01 -18.37 -7.04
N TYR B 134 -10.42 -18.54 -8.29
CA TYR B 134 -11.83 -18.76 -8.60
C TYR B 134 -11.94 -20.06 -9.39
N LYS B 135 -12.98 -20.84 -9.11
CA LYS B 135 -13.18 -22.14 -9.75
C LYS B 135 -14.59 -22.30 -10.32
N SER B 136 -14.67 -22.90 -11.50
CA SER B 136 -15.94 -23.34 -12.04
C SER B 136 -16.28 -24.66 -11.36
N LEU B 137 -17.25 -24.63 -10.45
CA LEU B 137 -17.55 -25.78 -9.61
C LEU B 137 -19.05 -25.99 -9.47
N ALA B 138 -19.45 -27.25 -9.36
CA ALA B 138 -20.85 -27.62 -9.20
C ALA B 138 -21.43 -26.90 -7.98
N MET B 139 -22.40 -26.03 -8.23
CA MET B 139 -22.94 -25.16 -7.20
C MET B 139 -24.47 -25.09 -7.29
N ASN B 140 -25.09 -25.19 -6.12
CA ASN B 140 -26.55 -25.16 -5.95
C ASN B 140 -27.10 -23.75 -5.73
N ALA B 141 -28.42 -23.65 -5.55
CA ALA B 141 -29.09 -22.37 -5.35
C ALA B 141 -28.50 -21.60 -4.18
N GLU B 142 -28.41 -22.25 -3.02
CA GLU B 142 -27.94 -21.58 -1.81
C GLU B 142 -26.47 -21.20 -1.91
N GLN B 143 -25.69 -22.04 -2.58
CA GLN B 143 -24.25 -21.81 -2.69
C GLN B 143 -23.92 -20.71 -3.71
N ARG B 144 -24.64 -20.71 -4.83
CA ARG B 144 -24.48 -19.66 -5.84
C ARG B 144 -24.82 -18.31 -5.22
N TYR B 145 -25.79 -18.32 -4.31
CA TYR B 145 -26.27 -17.11 -3.66
C TYR B 145 -25.17 -16.45 -2.84
N VAL B 146 -24.29 -17.27 -2.27
CA VAL B 146 -23.24 -16.77 -1.39
C VAL B 146 -21.93 -16.55 -2.13
N ASN B 147 -21.64 -17.42 -3.09
CA ASN B 147 -20.34 -17.40 -3.77
C ASN B 147 -20.49 -17.61 -5.28
N PRO B 148 -21.11 -16.63 -5.97
CA PRO B 148 -21.46 -16.77 -7.39
C PRO B 148 -20.28 -17.07 -8.28
N LEU B 149 -19.14 -16.46 -8.00
CA LEU B 149 -17.97 -16.56 -8.87
C LEU B 149 -17.06 -17.72 -8.49
N GLY B 150 -17.45 -18.48 -7.47
CA GLY B 150 -16.68 -19.64 -7.06
C GLY B 150 -15.34 -19.24 -6.48
N PHE B 151 -15.32 -18.13 -5.75
CA PHE B 151 -14.11 -17.70 -5.05
C PHE B 151 -13.73 -18.69 -3.97
N ARG B 152 -12.44 -18.95 -3.82
CA ARG B 152 -11.98 -19.76 -2.70
C ARG B 152 -10.53 -19.49 -2.32
N VAL B 153 -10.26 -19.57 -1.02
CA VAL B 153 -8.93 -19.38 -0.47
C VAL B 153 -8.15 -20.70 -0.47
N THR B 154 -6.92 -20.64 -0.98
CA THR B 154 -6.10 -21.83 -1.16
C THR B 154 -5.04 -21.96 -0.06
N SER B 155 -4.80 -20.87 0.65
CA SER B 155 -3.94 -20.91 1.82
C SER B 155 -4.27 -19.69 2.69
N TYR B 156 -4.08 -19.83 3.99
CA TYR B 156 -4.39 -18.80 4.92
C TYR B 156 -3.56 -18.90 6.18
N ARG B 157 -2.88 -17.84 6.57
CA ARG B 157 -2.27 -17.74 7.89
C ARG B 157 -2.35 -16.32 8.38
N VAL B 158 -2.55 -16.17 9.69
CA VAL B 158 -2.65 -14.88 10.34
C VAL B 158 -1.53 -14.74 11.35
N ASN B 159 -0.98 -13.54 11.45
CA ASN B 159 0.07 -13.26 12.42
C ASN B 159 -0.08 -11.84 12.96
N PRO B 160 0.38 -11.60 14.19
CA PRO B 160 0.29 -10.24 14.76
C PRO B 160 1.09 -9.23 13.95
N GLU B 161 0.69 -7.97 14.00
CA GLU B 161 1.40 -6.90 13.30
C GLU B 161 2.79 -6.70 13.89
N TYR C 25 -28.85 -11.98 -4.60
CA TYR C 25 -27.47 -12.43 -4.46
C TYR C 25 -26.96 -12.29 -3.03
N GLY C 26 -27.79 -11.79 -2.13
CA GLY C 26 -27.38 -11.56 -0.76
C GLY C 26 -26.96 -10.11 -0.60
N ASP C 27 -27.13 -9.59 0.61
CA ASP C 27 -26.96 -8.17 0.84
C ASP C 27 -25.54 -7.67 0.56
N GLU C 28 -24.55 -8.38 1.08
CA GLU C 28 -23.17 -7.90 1.02
C GLU C 28 -22.65 -7.85 -0.41
N ILE C 29 -23.25 -8.64 -1.30
CA ILE C 29 -22.89 -8.58 -2.71
C ILE C 29 -23.63 -7.42 -3.36
N ASP C 30 -24.91 -7.29 -3.02
CA ASP C 30 -25.71 -6.16 -3.50
C ASP C 30 -25.08 -4.85 -3.07
N LYS C 31 -24.74 -4.74 -1.80
CA LYS C 31 -24.13 -3.53 -1.27
C LYS C 31 -22.83 -3.18 -1.98
N PHE C 32 -22.10 -4.21 -2.41
CA PHE C 32 -20.81 -4.00 -3.05
C PHE C 32 -20.96 -3.27 -4.38
N TRP C 33 -21.78 -3.81 -5.28
CA TRP C 33 -21.98 -3.19 -6.56
C TRP C 33 -22.60 -1.84 -6.46
N LEU C 34 -23.58 -1.71 -5.59
CA LEU C 34 -24.25 -0.43 -5.40
C LEU C 34 -23.27 0.65 -5.00
N THR C 35 -22.44 0.37 -3.99
CA THR C 35 -21.43 1.32 -3.53
C THR C 35 -20.37 1.57 -4.59
N GLN C 36 -20.02 0.53 -5.36
CA GLN C 36 -19.04 0.68 -6.41
C GLN C 36 -19.58 1.58 -7.51
N TYR C 37 -20.89 1.50 -7.75
CA TYR C 37 -21.54 2.32 -8.76
C TYR C 37 -21.47 3.79 -8.37
N VAL C 38 -21.79 4.07 -7.11
CA VAL C 38 -21.73 5.43 -6.59
C VAL C 38 -20.29 5.94 -6.67
N ILE C 39 -19.34 5.12 -6.24
CA ILE C 39 -17.94 5.50 -6.23
C ILE C 39 -17.47 5.81 -7.64
N HIS C 40 -17.92 5.03 -8.61
CA HIS C 40 -17.59 5.28 -9.98
C HIS C 40 -18.23 6.50 -10.58
N ARG C 41 -19.51 6.70 -10.32
CA ARG C 41 -20.28 7.77 -10.93
C ARG C 41 -20.05 9.13 -10.26
N GLU C 42 -19.99 9.14 -8.93
CA GLU C 42 -19.91 10.39 -8.18
C GLU C 42 -18.48 10.79 -7.81
N SER C 43 -17.50 10.16 -8.44
CA SER C 43 -16.10 10.51 -8.23
C SER C 43 -15.54 11.18 -9.48
N TYR C 44 -14.48 11.96 -9.30
CA TYR C 44 -13.73 12.48 -10.43
C TYR C 44 -12.23 12.40 -10.21
N ASP C 45 -11.57 11.66 -11.08
CA ASP C 45 -10.12 11.57 -11.08
C ASP C 45 -9.64 11.38 -12.51
N PHE C 46 -8.79 12.30 -12.96
CA PHE C 46 -8.34 12.34 -14.35
C PHE C 46 -7.70 11.04 -14.79
N TYR C 47 -6.93 10.48 -13.91
CA TYR C 47 -6.28 9.22 -14.16
C TYR C 47 -7.24 8.06 -14.24
N SER C 48 -8.32 8.13 -13.50
CA SER C 48 -9.30 7.07 -13.53
C SER C 48 -10.60 7.29 -14.30
N VAL C 49 -10.76 8.42 -14.95
CA VAL C 49 -12.07 8.87 -15.40
C VAL C 49 -12.60 7.99 -16.52
N GLN C 50 -11.72 7.48 -17.35
CA GLN C 50 -12.11 6.62 -18.46
C GLN C 50 -12.63 5.28 -17.93
N VAL C 51 -11.99 4.78 -16.87
CA VAL C 51 -12.42 3.54 -16.24
C VAL C 51 -13.76 3.74 -15.55
N ASP C 52 -13.87 4.84 -14.81
CA ASP C 52 -15.11 5.16 -14.13
C ASP C 52 -16.24 5.40 -15.13
N TYR C 53 -15.90 6.06 -16.24
CA TYR C 53 -16.87 6.31 -17.30
C TYR C 53 -17.37 5.01 -17.89
N THR C 54 -16.43 4.11 -18.21
CA THR C 54 -16.77 2.82 -18.79
C THR C 54 -17.59 1.99 -17.79
N ALA C 55 -17.28 2.15 -16.51
CA ALA C 55 -17.96 1.39 -15.47
C ALA C 55 -19.43 1.75 -15.41
N VAL C 56 -19.73 3.03 -15.32
CA VAL C 56 -21.11 3.50 -15.23
C VAL C 56 -21.92 3.02 -16.44
N GLY C 57 -21.27 2.96 -17.59
CA GLY C 57 -21.94 2.53 -18.81
C GLY C 57 -22.42 1.10 -18.73
N LEU C 58 -21.61 0.24 -18.13
CA LEU C 58 -21.92 -1.19 -18.06
C LEU C 58 -22.92 -1.52 -16.95
N MET C 59 -22.96 -0.67 -15.93
CA MET C 59 -23.84 -0.89 -14.79
C MET C 59 -25.12 -0.08 -14.88
N SER C 60 -25.31 0.63 -16.00
CA SER C 60 -26.46 1.52 -16.16
C SER C 60 -27.32 1.14 -17.36
N THR C 61 -28.63 1.31 -17.21
CA THR C 61 -29.52 1.31 -18.37
C THR C 61 -29.22 2.61 -19.11
N PRO C 62 -29.45 2.62 -20.44
CA PRO C 62 -29.17 3.82 -21.23
C PRO C 62 -29.76 5.11 -20.65
N ASN C 63 -30.96 5.01 -20.10
CA ASN C 63 -31.63 6.16 -19.49
C ASN C 63 -30.84 6.72 -18.32
N VAL C 64 -30.37 5.81 -17.47
CA VAL C 64 -29.59 6.19 -16.29
C VAL C 64 -28.23 6.73 -16.71
N ALA C 65 -27.66 6.14 -17.75
CA ALA C 65 -26.32 6.49 -18.20
C ALA C 65 -26.27 7.85 -18.87
N GLU C 66 -27.28 8.15 -19.68
CA GLU C 66 -27.30 9.38 -20.48
C GLU C 66 -27.11 10.64 -19.62
N SER C 67 -27.82 10.70 -18.50
CA SER C 67 -27.74 11.85 -17.61
C SER C 67 -26.32 12.06 -17.10
N TYR C 68 -25.58 10.97 -16.95
CA TYR C 68 -24.21 11.01 -16.48
C TYR C 68 -23.25 11.28 -17.62
N GLN C 69 -23.48 10.64 -18.75
CA GLN C 69 -22.61 10.78 -19.92
C GLN C 69 -22.69 12.18 -20.52
N SER C 70 -23.79 12.88 -20.25
CA SER C 70 -24.00 14.21 -20.81
C SER C 70 -22.95 15.19 -20.32
N LYS C 71 -22.48 15.01 -19.09
CA LYS C 71 -21.49 15.91 -18.51
C LYS C 71 -20.15 15.77 -19.22
N PHE C 72 -19.98 14.66 -19.92
CA PHE C 72 -18.77 14.38 -20.67
C PHE C 72 -19.06 14.39 -22.17
N LYS C 73 -19.26 15.57 -22.73
CA LYS C 73 -19.61 15.70 -24.13
C LYS C 73 -18.80 16.80 -24.83
N GLY C 74 -18.37 16.48 -26.05
CA GLY C 74 -17.81 17.45 -26.97
C GLY C 74 -16.80 18.44 -26.43
N ARG C 75 -17.10 19.72 -26.59
CA ARG C 75 -16.15 20.80 -26.34
C ARG C 75 -15.72 20.98 -24.90
N ASN C 76 -16.68 20.91 -24.00
CA ASN C 76 -16.44 21.32 -22.64
C ASN C 76 -16.86 20.26 -21.64
N GLY C 77 -16.51 19.03 -21.95
CA GLY C 77 -16.77 17.89 -21.09
C GLY C 77 -16.09 18.12 -19.76
N LEU C 78 -16.64 17.52 -18.70
CA LEU C 78 -16.14 17.74 -17.35
C LEU C 78 -14.64 17.46 -17.22
N ASP C 79 -14.17 16.41 -17.88
CA ASP C 79 -12.76 16.05 -17.79
C ASP C 79 -11.90 17.04 -18.56
N LYS C 80 -12.41 17.52 -19.69
CA LYS C 80 -11.68 18.46 -20.53
C LYS C 80 -11.51 19.81 -19.85
N VAL C 81 -12.53 20.23 -19.12
CA VAL C 81 -12.49 21.51 -18.40
C VAL C 81 -11.58 21.41 -17.19
N LEU C 82 -11.83 20.42 -16.34
CA LEU C 82 -11.10 20.27 -15.09
C LEU C 82 -9.68 19.75 -15.31
N GLY C 83 -9.55 18.80 -16.21
CA GLY C 83 -8.30 18.07 -16.37
C GLY C 83 -7.89 17.33 -15.12
N ASP C 84 -6.64 17.48 -14.76
CA ASP C 84 -6.13 16.92 -13.53
C ASP C 84 -5.95 18.05 -12.55
N SER C 85 -6.78 19.07 -12.67
CA SER C 85 -6.74 20.22 -11.75
C SER C 85 -7.13 19.86 -10.32
N GLU C 86 -8.13 19.00 -10.21
CA GLU C 86 -8.85 18.73 -8.97
C GLU C 86 -9.34 17.29 -8.94
N THR C 87 -9.80 16.86 -7.76
CA THR C 87 -10.35 15.53 -7.59
C THR C 87 -11.49 15.53 -6.58
N THR C 88 -12.48 14.69 -6.82
CA THR C 88 -13.58 14.49 -5.89
C THR C 88 -13.65 13.02 -5.49
N ARG C 89 -13.36 12.73 -4.23
CA ARG C 89 -13.41 11.38 -3.71
C ARG C 89 -14.73 11.11 -3.01
N VAL C 90 -15.13 9.85 -2.98
CA VAL C 90 -16.39 9.43 -2.35
C VAL C 90 -16.13 8.58 -1.11
N LYS C 91 -16.97 8.75 -0.10
CA LYS C 91 -16.95 7.91 1.09
C LYS C 91 -18.35 7.40 1.37
N ILE C 92 -18.53 6.09 1.35
CA ILE C 92 -19.82 5.50 1.70
C ILE C 92 -19.98 5.55 3.21
N ASN C 93 -21.17 5.96 3.66
CA ASN C 93 -21.45 6.07 5.08
C ASN C 93 -22.42 4.99 5.55
N SER C 94 -23.38 4.63 4.70
CA SER C 94 -24.32 3.56 5.01
C SER C 94 -25.11 3.14 3.78
N VAL C 95 -25.54 1.88 3.76
CA VAL C 95 -26.35 1.35 2.67
C VAL C 95 -27.52 0.54 3.23
N ILE C 96 -28.73 0.90 2.81
CA ILE C 96 -29.94 0.24 3.29
C ILE C 96 -30.70 -0.39 2.13
N LEU C 97 -30.82 -1.71 2.15
CA LEU C 97 -31.46 -2.45 1.07
C LEU C 97 -32.95 -2.66 1.28
N ASP C 98 -33.70 -2.58 0.19
CA ASP C 98 -35.09 -3.00 0.17
C ASP C 98 -35.21 -4.08 -0.91
N LYS C 99 -34.61 -5.24 -0.63
CA LYS C 99 -34.43 -6.30 -1.61
C LYS C 99 -35.71 -6.73 -2.33
N PRO C 100 -36.81 -6.93 -1.59
CA PRO C 100 -38.05 -7.39 -2.21
C PRO C 100 -38.53 -6.52 -3.36
N HIS C 101 -38.21 -5.22 -3.25
CA HIS C 101 -38.61 -4.26 -4.24
C HIS C 101 -37.51 -3.85 -5.15
N GLY C 102 -36.31 -4.32 -4.89
CA GLY C 102 -35.14 -4.04 -5.69
C GLY C 102 -34.76 -2.58 -5.61
N VAL C 103 -34.84 -2.02 -4.41
CA VAL C 103 -34.48 -0.63 -4.16
C VAL C 103 -33.47 -0.55 -3.02
N ALA C 104 -32.59 0.45 -3.10
CA ALA C 104 -31.58 0.65 -2.06
C ALA C 104 -31.28 2.13 -1.89
N THR C 105 -30.89 2.50 -0.69
CA THR C 105 -30.55 3.88 -0.37
C THR C 105 -29.10 3.96 0.09
N ILE C 106 -28.28 4.70 -0.65
CA ILE C 106 -26.88 4.90 -0.29
C ILE C 106 -26.71 6.31 0.25
N ARG C 107 -26.01 6.42 1.36
CA ARG C 107 -25.64 7.70 1.94
C ARG C 107 -24.12 7.83 1.87
N PHE C 108 -23.64 8.84 1.15
CA PHE C 108 -22.21 9.03 0.96
C PHE C 108 -21.81 10.48 1.13
N THR C 109 -20.51 10.70 1.24
CA THR C 109 -19.94 12.03 1.45
C THR C 109 -18.82 12.29 0.44
N THR C 110 -19.03 13.29 -0.41
CA THR C 110 -18.02 13.68 -1.38
C THR C 110 -17.08 14.71 -0.78
N VAL C 111 -15.83 14.69 -1.22
CA VAL C 111 -14.85 15.68 -0.79
C VAL C 111 -14.02 16.12 -1.99
N ARG C 112 -14.08 17.43 -2.27
CA ARG C 112 -13.37 18.01 -3.40
C ARG C 112 -12.02 18.55 -2.96
N ARG C 113 -11.01 18.34 -3.79
CA ARG C 113 -9.67 18.85 -3.51
C ARG C 113 -8.99 19.34 -4.78
N VAL C 114 -8.70 20.64 -4.82
CA VAL C 114 -7.92 21.23 -5.88
C VAL C 114 -6.45 21.07 -5.55
N ARG C 115 -5.68 20.53 -6.49
CA ARG C 115 -4.27 20.22 -6.25
C ARG C 115 -3.47 21.46 -5.88
N SER C 116 -3.87 22.60 -6.43
CA SER C 116 -3.20 23.86 -6.16
C SER C 116 -3.40 24.29 -4.71
N ASN C 117 -4.60 24.05 -4.19
CA ASN C 117 -4.90 24.38 -2.80
C ASN C 117 -4.18 23.43 -1.85
N PRO C 118 -3.94 23.87 -0.61
CA PRO C 118 -3.27 23.01 0.39
C PRO C 118 -4.24 22.16 1.19
N VAL C 119 -5.50 22.58 1.26
CA VAL C 119 -6.51 21.89 2.06
C VAL C 119 -7.75 21.57 1.23
N ASP C 120 -8.37 20.42 1.52
CA ASP C 120 -9.58 20.00 0.82
C ASP C 120 -10.73 20.95 1.09
N ASP C 121 -11.79 20.84 0.29
CA ASP C 121 -13.01 21.59 0.54
C ASP C 121 -13.77 20.95 1.69
N GLN C 122 -14.83 21.60 2.15
CA GLN C 122 -15.69 21.02 3.17
C GLN C 122 -16.51 19.89 2.54
N PRO C 123 -16.62 18.74 3.24
CA PRO C 123 -17.36 17.60 2.67
C PRO C 123 -18.82 17.93 2.36
N GLN C 124 -19.37 17.25 1.35
CA GLN C 124 -20.77 17.43 0.97
C GLN C 124 -21.49 16.09 1.04
N ARG C 125 -22.64 16.09 1.72
CA ARG C 125 -23.35 14.88 2.10
C ARG C 125 -24.61 14.68 1.27
N TRP C 126 -24.82 13.47 0.76
CA TRP C 126 -25.82 13.16 -0.25
C TRP C 126 -26.63 11.94 0.00
N ILE C 127 -27.73 11.81 -0.72
CA ILE C 127 -28.62 10.66 -0.60
C ILE C 127 -28.90 10.09 -2.00
N ALA C 128 -28.48 8.85 -2.24
CA ALA C 128 -28.74 8.19 -3.51
C ALA C 128 -29.84 7.14 -3.36
N ILE C 129 -30.86 7.24 -4.21
CA ILE C 129 -31.95 6.28 -4.24
C ILE C 129 -31.87 5.47 -5.53
N MET C 130 -31.55 4.19 -5.39
CA MET C 130 -31.23 3.34 -6.54
C MET C 130 -32.21 2.19 -6.69
N GLY C 131 -32.65 1.97 -7.91
CA GLY C 131 -33.43 0.79 -8.26
C GLY C 131 -32.56 -0.09 -9.14
N TYR C 132 -32.16 -1.24 -8.61
CA TYR C 132 -31.17 -2.09 -9.25
C TYR C 132 -31.72 -3.48 -9.59
N GLU C 133 -30.92 -4.23 -10.34
CA GLU C 133 -31.30 -5.59 -10.74
C GLU C 133 -30.08 -6.31 -11.32
N TYR C 134 -30.18 -7.63 -11.44
CA TYR C 134 -29.16 -8.43 -12.09
C TYR C 134 -29.71 -9.09 -13.34
N LYS C 135 -28.93 -9.06 -14.41
CA LYS C 135 -29.32 -9.64 -15.69
C LYS C 135 -28.12 -10.33 -16.33
N SER C 136 -28.05 -11.65 -16.18
CA SER C 136 -26.89 -12.42 -16.61
C SER C 136 -26.80 -12.54 -18.12
N LEU C 137 -25.78 -11.90 -18.71
CA LEU C 137 -25.49 -12.01 -20.13
C LEU C 137 -24.11 -12.64 -20.35
N ALA C 138 -23.67 -12.70 -21.60
CA ALA C 138 -22.40 -13.34 -21.95
C ALA C 138 -21.19 -12.56 -21.41
N MET C 139 -20.00 -13.01 -21.79
CA MET C 139 -18.76 -12.49 -21.23
C MET C 139 -17.92 -11.72 -22.25
N ASN C 140 -16.93 -11.00 -21.74
CA ASN C 140 -15.84 -10.47 -22.55
C ASN C 140 -14.66 -10.16 -21.64
N ALA C 141 -13.44 -10.26 -22.18
CA ALA C 141 -12.23 -10.10 -21.39
C ALA C 141 -11.97 -8.65 -20.98
N GLU C 142 -12.96 -8.03 -20.37
CA GLU C 142 -12.84 -6.66 -19.86
C GLU C 142 -14.00 -6.37 -18.93
N GLN C 143 -15.22 -6.68 -19.37
CA GLN C 143 -16.40 -6.66 -18.50
C GLN C 143 -16.18 -7.61 -17.34
N ARG C 144 -15.46 -8.70 -17.64
CA ARG C 144 -15.14 -9.73 -16.67
C ARG C 144 -14.50 -9.18 -15.40
N TYR C 145 -13.83 -8.05 -15.51
CA TYR C 145 -13.19 -7.42 -14.36
C TYR C 145 -13.95 -6.20 -13.85
N VAL C 146 -15.20 -6.05 -14.30
CA VAL C 146 -15.98 -4.87 -13.96
C VAL C 146 -17.38 -5.26 -13.47
N ASN C 147 -18.14 -5.91 -14.34
CA ASN C 147 -19.51 -6.36 -14.02
C ASN C 147 -19.81 -7.78 -14.49
N PRO C 148 -19.29 -8.80 -13.81
CA PRO C 148 -19.50 -10.18 -14.23
C PRO C 148 -20.91 -10.68 -13.98
N LEU C 149 -21.54 -10.22 -12.90
CA LEU C 149 -22.87 -10.71 -12.52
C LEU C 149 -23.98 -9.96 -13.25
N GLY C 150 -23.61 -9.05 -14.16
CA GLY C 150 -24.58 -8.30 -14.92
C GLY C 150 -25.42 -7.40 -14.06
N PHE C 151 -24.80 -6.81 -13.03
CA PHE C 151 -25.46 -5.85 -12.17
C PHE C 151 -25.92 -4.64 -12.97
N ARG C 152 -27.15 -4.20 -12.72
CA ARG C 152 -27.75 -3.11 -13.48
C ARG C 152 -28.49 -2.13 -12.57
N VAL C 153 -28.22 -0.84 -12.74
CA VAL C 153 -28.92 0.22 -12.02
C VAL C 153 -30.00 0.83 -12.90
N THR C 154 -31.26 0.49 -12.64
CA THR C 154 -32.36 0.89 -13.53
C THR C 154 -32.90 2.29 -13.22
N SER C 155 -32.58 2.80 -12.04
CA SER C 155 -32.97 4.14 -11.65
C SER C 155 -31.95 4.71 -10.66
N TYR C 156 -31.68 6.00 -10.77
CA TYR C 156 -30.66 6.65 -9.94
C TYR C 156 -30.99 8.12 -9.73
N ARG C 157 -31.08 8.52 -8.46
CA ARG C 157 -31.39 9.90 -8.12
C ARG C 157 -30.62 10.33 -6.87
N VAL C 158 -29.79 11.35 -7.02
CA VAL C 158 -29.01 11.87 -5.91
C VAL C 158 -29.63 13.17 -5.40
N ASN C 159 -29.60 13.34 -4.08
CA ASN C 159 -30.10 14.55 -3.45
C ASN C 159 -29.27 14.87 -2.21
N PRO C 160 -29.22 16.15 -1.83
CA PRO C 160 -28.50 16.53 -0.60
C PRO C 160 -29.24 16.07 0.65
N GLU C 161 -28.59 16.16 1.81
CA GLU C 161 -29.21 15.77 3.07
C GLU C 161 -29.92 16.97 3.72
N TYR D 25 11.68 10.58 -10.01
CA TYR D 25 13.01 9.99 -9.89
C TYR D 25 12.94 8.50 -9.60
N GLY D 26 11.73 7.95 -9.55
CA GLY D 26 11.54 6.55 -9.21
C GLY D 26 10.99 6.40 -7.81
N ASP D 27 10.21 5.35 -7.59
CA ASP D 27 9.49 5.18 -6.35
C ASP D 27 10.41 5.02 -5.13
N GLU D 28 11.39 4.14 -5.24
CA GLU D 28 12.27 3.85 -4.10
C GLU D 28 13.07 5.07 -3.71
N ILE D 29 13.46 5.87 -4.70
CA ILE D 29 14.17 7.10 -4.43
C ILE D 29 13.23 8.13 -3.80
N ASP D 30 11.98 8.16 -4.27
CA ASP D 30 10.98 9.04 -3.69
C ASP D 30 10.72 8.67 -2.23
N LYS D 31 10.60 7.37 -1.96
CA LYS D 31 10.29 6.90 -0.61
C LYS D 31 11.41 7.23 0.38
N PHE D 32 12.64 7.25 -0.09
CA PHE D 32 13.78 7.54 0.77
C PHE D 32 13.69 8.95 1.34
N TRP D 33 13.60 9.92 0.46
CA TRP D 33 13.58 11.30 0.87
C TRP D 33 12.41 11.63 1.70
N LEU D 34 11.26 11.11 1.32
CA LEU D 34 10.02 11.33 2.06
C LEU D 34 10.16 10.82 3.50
N THR D 35 10.63 9.58 3.66
CA THR D 35 10.77 9.00 4.98
C THR D 35 11.86 9.71 5.79
N GLN D 36 12.95 10.06 5.12
CA GLN D 36 14.03 10.79 5.77
C GLN D 36 13.55 12.17 6.24
N TYR D 37 12.61 12.74 5.50
CA TYR D 37 12.03 14.02 5.87
C TYR D 37 11.23 13.89 7.15
N VAL D 38 10.38 12.88 7.22
CA VAL D 38 9.57 12.60 8.40
C VAL D 38 10.48 12.38 9.61
N ILE D 39 11.51 11.55 9.42
CA ILE D 39 12.44 11.26 10.51
C ILE D 39 13.15 12.53 10.95
N HIS D 40 13.54 13.35 10.00
CA HIS D 40 14.19 14.58 10.30
C HIS D 40 13.33 15.54 11.06
N ARG D 41 12.05 15.58 10.72
CA ARG D 41 11.14 16.60 11.23
C ARG D 41 10.39 16.17 12.47
N GLU D 42 10.05 14.89 12.56
CA GLU D 42 9.22 14.39 13.66
C GLU D 42 10.05 13.82 14.83
N SER D 43 11.36 13.77 14.66
CA SER D 43 12.25 13.32 15.72
C SER D 43 12.71 14.50 16.58
N TYR D 44 13.16 14.21 17.79
CA TYR D 44 13.81 15.23 18.61
C TYR D 44 15.03 14.69 19.34
N ASP D 45 16.18 15.21 18.95
CA ASP D 45 17.44 14.95 19.65
C ASP D 45 18.27 16.22 19.56
N PHE D 46 18.63 16.77 20.73
CA PHE D 46 19.21 18.10 20.80
C PHE D 46 20.49 18.24 19.99
N TYR D 47 21.35 17.24 20.06
CA TYR D 47 22.67 17.34 19.43
C TYR D 47 22.61 17.06 17.93
N SER D 48 21.40 16.94 17.39
CA SER D 48 21.22 16.72 15.96
C SER D 48 20.04 17.52 15.40
N VAL D 49 19.46 18.39 16.23
CA VAL D 49 18.32 19.19 15.79
C VAL D 49 18.79 20.26 14.79
N GLN D 50 20.04 20.67 14.92
CA GLN D 50 20.59 21.71 14.05
C GLN D 50 20.70 21.22 12.61
N VAL D 51 21.14 19.98 12.41
CA VAL D 51 21.22 19.41 11.07
C VAL D 51 19.83 18.98 10.60
N ASP D 52 19.01 18.52 11.54
CA ASP D 52 17.63 18.18 11.23
C ASP D 52 16.88 19.43 10.80
N TYR D 53 17.10 20.52 11.53
CA TYR D 53 16.46 21.79 11.22
C TYR D 53 16.87 22.26 9.82
N THR D 54 18.14 22.03 9.49
CA THR D 54 18.66 22.42 8.19
C THR D 54 18.03 21.62 7.06
N ALA D 55 17.99 20.30 7.23
CA ALA D 55 17.45 19.40 6.21
C ALA D 55 16.00 19.73 5.90
N VAL D 56 15.20 19.88 6.94
CA VAL D 56 13.79 20.20 6.78
C VAL D 56 13.63 21.52 6.02
N GLY D 57 14.56 22.44 6.26
CA GLY D 57 14.56 23.72 5.57
C GLY D 57 14.80 23.56 4.08
N LEU D 58 15.90 22.88 3.73
CA LEU D 58 16.23 22.64 2.34
C LEU D 58 15.17 21.79 1.65
N MET D 59 14.56 20.88 2.41
CA MET D 59 13.61 19.94 1.85
C MET D 59 12.17 20.43 1.98
N SER D 60 12.00 21.73 2.12
CA SER D 60 10.66 22.32 2.24
C SER D 60 10.57 23.66 1.51
N THR D 61 9.40 23.94 0.95
CA THR D 61 9.12 25.26 0.41
C THR D 61 9.09 26.23 1.59
N PRO D 62 9.68 27.42 1.43
CA PRO D 62 9.81 28.40 2.53
C PRO D 62 8.55 28.60 3.37
N ASN D 63 7.36 28.52 2.79
CA ASN D 63 6.13 28.69 3.56
C ASN D 63 5.85 27.45 4.40
N VAL D 64 6.03 26.27 3.80
CA VAL D 64 5.93 25.01 4.53
C VAL D 64 7.07 24.93 5.54
N ALA D 65 8.18 25.56 5.20
CA ALA D 65 9.37 25.51 6.04
C ALA D 65 9.16 26.25 7.35
N GLU D 66 8.80 27.53 7.28
CA GLU D 66 8.72 28.35 8.48
C GLU D 66 7.42 28.11 9.26
N SER D 67 6.58 27.21 8.76
CA SER D 67 5.47 26.71 9.55
C SER D 67 6.02 25.75 10.59
N TYR D 68 7.16 25.14 10.25
CA TYR D 68 7.86 24.22 11.14
C TYR D 68 8.86 24.97 12.00
N GLN D 69 9.40 26.07 11.48
CA GLN D 69 10.31 26.91 12.23
C GLN D 69 9.58 27.60 13.38
N SER D 70 8.25 27.60 13.31
CA SER D 70 7.42 28.17 14.37
C SER D 70 7.71 27.50 15.70
N LYS D 71 8.10 26.23 15.64
CA LYS D 71 8.45 25.48 16.85
C LYS D 71 9.71 26.04 17.48
N PHE D 72 10.50 26.76 16.70
CA PHE D 72 11.80 27.29 17.16
C PHE D 72 11.85 28.81 17.05
N LYS D 73 11.01 29.48 17.85
CA LYS D 73 10.94 30.93 17.86
C LYS D 73 11.06 31.46 19.29
N GLY D 74 11.74 32.58 19.45
CA GLY D 74 11.95 33.17 20.77
C GLY D 74 12.73 32.25 21.67
N ARG D 75 12.57 32.43 22.98
CA ARG D 75 13.23 31.58 23.96
C ARG D 75 12.28 30.50 24.48
N ASN D 76 11.08 30.43 23.89
CA ASN D 76 10.18 29.31 24.12
C ASN D 76 10.33 28.29 23.00
N GLY D 77 11.46 28.38 22.28
CA GLY D 77 11.76 27.46 21.21
C GLY D 77 11.90 26.04 21.71
N LEU D 78 11.45 25.09 20.92
CA LEU D 78 11.41 23.69 21.31
C LEU D 78 12.75 23.19 21.83
N ASP D 79 13.81 23.42 21.05
CA ASP D 79 15.14 22.98 21.43
C ASP D 79 15.64 23.75 22.64
N LYS D 80 15.18 25.00 22.76
CA LYS D 80 15.62 25.89 23.82
C LYS D 80 14.79 25.67 25.08
N VAL D 81 13.64 25.03 24.93
CA VAL D 81 12.79 24.66 26.07
C VAL D 81 13.12 23.24 26.52
N LEU D 82 12.92 22.27 25.63
CA LEU D 82 13.14 20.86 25.96
C LEU D 82 14.60 20.60 26.32
N GLY D 83 15.51 21.34 25.70
CA GLY D 83 16.93 21.13 25.87
C GLY D 83 17.30 19.71 25.47
N ASP D 84 17.87 18.97 26.42
CA ASP D 84 18.22 17.57 26.20
C ASP D 84 17.53 16.72 27.27
N SER D 85 16.46 17.26 27.83
CA SER D 85 15.72 16.60 28.90
C SER D 85 15.04 15.33 28.41
N GLU D 86 14.72 15.31 27.11
CA GLU D 86 13.99 14.19 26.53
C GLU D 86 14.35 14.00 25.06
N THR D 87 13.88 12.89 24.50
CA THR D 87 14.11 12.56 23.10
C THR D 87 12.92 11.80 22.53
N THR D 88 12.65 12.03 21.25
CA THR D 88 11.57 11.31 20.56
C THR D 88 12.13 10.71 19.28
N ARG D 89 11.95 9.40 19.13
CA ARG D 89 12.41 8.69 17.92
C ARG D 89 11.22 8.31 17.04
N VAL D 90 11.50 8.13 15.76
CA VAL D 90 10.48 7.83 14.77
C VAL D 90 10.67 6.42 14.21
N LYS D 91 9.56 5.79 13.82
CA LYS D 91 9.59 4.49 13.17
C LYS D 91 8.68 4.52 11.95
N ILE D 92 9.26 4.37 10.77
CA ILE D 92 8.49 4.34 9.54
C ILE D 92 7.82 2.98 9.39
N ASN D 93 6.50 2.99 9.22
CA ASN D 93 5.73 1.75 9.12
C ASN D 93 5.35 1.42 7.69
N SER D 94 4.85 2.41 6.96
CA SER D 94 4.47 2.22 5.56
C SER D 94 4.58 3.51 4.77
N VAL D 95 4.69 3.37 3.46
CA VAL D 95 4.82 4.51 2.55
C VAL D 95 4.13 4.22 1.22
N ILE D 96 2.96 4.83 1.01
CA ILE D 96 2.25 4.73 -0.26
C ILE D 96 2.52 5.97 -1.10
N LEU D 97 2.53 5.80 -2.42
CA LEU D 97 2.81 6.89 -3.33
C LEU D 97 1.73 7.15 -4.37
N ASP D 98 1.71 8.38 -4.87
CA ASP D 98 0.96 8.81 -6.04
C ASP D 98 1.85 9.62 -6.95
N LYS D 99 2.62 8.99 -7.81
CA LYS D 99 3.72 9.68 -8.47
C LYS D 99 3.38 10.88 -9.38
N PRO D 100 2.36 10.80 -10.21
CA PRO D 100 1.95 11.90 -11.09
C PRO D 100 1.58 13.18 -10.35
N HIS D 101 0.79 13.06 -9.31
CA HIS D 101 0.40 14.16 -8.45
C HIS D 101 1.51 14.71 -7.60
N GLY D 102 2.52 13.90 -7.30
CA GLY D 102 3.58 14.26 -6.39
C GLY D 102 3.10 14.26 -4.95
N VAL D 103 2.27 13.28 -4.62
CA VAL D 103 1.67 13.15 -3.29
C VAL D 103 2.02 11.80 -2.69
N ALA D 104 2.10 11.76 -1.36
CA ALA D 104 2.43 10.52 -0.66
C ALA D 104 1.81 10.49 0.74
N THR D 105 1.65 9.29 1.27
CA THR D 105 1.13 9.09 2.61
C THR D 105 2.05 8.19 3.40
N ILE D 106 2.44 8.64 4.60
CA ILE D 106 3.37 7.92 5.45
C ILE D 106 2.79 7.71 6.84
N ARG D 107 2.62 6.44 7.20
CA ARG D 107 2.23 6.07 8.55
C ARG D 107 3.49 5.82 9.36
N PHE D 108 3.61 6.46 10.51
CA PHE D 108 4.80 6.31 11.35
C PHE D 108 4.44 6.35 12.83
N THR D 109 5.40 5.94 13.66
CA THR D 109 5.19 5.83 15.09
C THR D 109 6.27 6.57 15.87
N THR D 110 5.86 7.34 16.86
CA THR D 110 6.78 8.09 17.69
C THR D 110 6.82 7.54 19.12
N VAL D 111 8.02 7.54 19.69
CA VAL D 111 8.21 7.12 21.08
C VAL D 111 9.02 8.18 21.82
N ARG D 112 8.35 8.92 22.71
CA ARG D 112 9.00 9.95 23.50
C ARG D 112 9.74 9.32 24.67
N ARG D 113 10.89 9.90 25.01
CA ARG D 113 11.75 9.37 26.05
C ARG D 113 12.29 10.47 26.94
N VAL D 114 11.78 10.53 28.17
CA VAL D 114 12.26 11.49 29.16
C VAL D 114 13.47 10.91 29.88
N ARG D 115 14.59 11.63 29.83
CA ARG D 115 15.86 11.09 30.33
C ARG D 115 15.81 10.75 31.82
N SER D 116 14.95 11.43 32.57
CA SER D 116 14.84 11.19 34.00
C SER D 116 14.08 9.91 34.29
N ASN D 117 12.98 9.69 33.56
CA ASN D 117 12.18 8.48 33.73
C ASN D 117 12.99 7.22 33.45
N PRO D 118 12.49 6.06 33.91
CA PRO D 118 13.17 4.79 33.66
C PRO D 118 12.65 4.02 32.45
N VAL D 119 11.59 4.51 31.82
CA VAL D 119 10.93 3.79 30.73
C VAL D 119 10.52 4.72 29.59
N ASP D 120 10.44 4.17 28.39
CA ASP D 120 9.90 4.89 27.24
C ASP D 120 8.42 5.18 27.45
N ASP D 121 7.94 6.28 26.88
CA ASP D 121 6.52 6.57 26.88
C ASP D 121 5.80 5.61 25.94
N GLN D 122 4.48 5.53 26.06
CA GLN D 122 3.71 4.67 25.17
C GLN D 122 3.76 5.23 23.75
N PRO D 123 3.95 4.34 22.75
CA PRO D 123 4.06 4.82 21.36
C PRO D 123 2.82 5.58 20.89
N GLN D 124 2.99 6.39 19.85
CA GLN D 124 1.89 7.13 19.24
C GLN D 124 1.96 6.96 17.73
N ARG D 125 0.88 6.47 17.13
CA ARG D 125 0.85 6.21 15.70
C ARG D 125 0.21 7.37 14.94
N TRP D 126 0.89 7.83 13.89
CA TRP D 126 0.52 9.01 13.16
C TRP D 126 0.42 8.74 11.69
N ILE D 127 -0.15 9.67 10.94
CA ILE D 127 -0.19 9.61 9.49
C ILE D 127 0.29 10.94 8.94
N ALA D 128 1.10 10.90 7.89
CA ALA D 128 1.66 12.11 7.31
C ALA D 128 1.29 12.25 5.84
N ILE D 129 0.41 13.19 5.54
CA ILE D 129 0.03 13.50 4.16
C ILE D 129 1.01 14.51 3.60
N MET D 130 1.73 14.10 2.56
CA MET D 130 2.82 14.90 2.02
C MET D 130 2.69 15.13 0.52
N GLY D 131 3.05 16.33 0.09
CA GLY D 131 3.20 16.64 -1.32
C GLY D 131 4.67 16.94 -1.56
N TYR D 132 5.20 16.49 -2.69
CA TYR D 132 6.63 16.66 -2.96
C TYR D 132 6.92 16.93 -4.43
N GLU D 133 8.16 17.34 -4.70
CA GLU D 133 8.62 17.63 -6.05
C GLU D 133 10.14 17.74 -6.06
N TYR D 134 10.72 17.89 -7.24
CA TYR D 134 12.17 17.98 -7.39
C TYR D 134 12.59 19.19 -8.20
N LYS D 135 13.48 20.00 -7.64
CA LYS D 135 14.06 21.14 -8.33
C LYS D 135 15.48 21.41 -7.83
N SER D 136 16.46 20.76 -8.45
CA SER D 136 17.85 20.93 -8.06
C SER D 136 18.36 22.30 -8.51
N LEU D 137 18.35 23.27 -7.60
CA LEU D 137 18.74 24.64 -7.92
C LEU D 137 20.18 24.94 -7.50
N ALA D 138 20.37 25.89 -6.60
CA ALA D 138 21.71 26.36 -6.24
C ALA D 138 22.55 25.26 -5.60
N MET D 139 23.30 24.55 -6.43
CA MET D 139 24.12 23.43 -5.95
C MET D 139 25.22 23.97 -5.02
N ASN D 140 25.05 23.73 -3.72
CA ASN D 140 25.97 24.23 -2.71
C ASN D 140 26.66 23.09 -1.97
N ALA D 141 27.83 23.39 -1.41
CA ALA D 141 28.63 22.38 -0.72
C ALA D 141 27.88 21.72 0.42
N GLU D 142 27.26 22.54 1.28
CA GLU D 142 26.59 22.02 2.47
C GLU D 142 25.18 21.54 2.17
N GLN D 143 24.77 21.63 0.90
CA GLN D 143 23.47 21.11 0.48
C GLN D 143 23.60 19.71 -0.11
N ARG D 144 24.68 19.49 -0.86
CA ARG D 144 24.85 18.25 -1.61
C ARG D 144 25.15 17.04 -0.70
N TYR D 145 25.21 17.27 0.60
CA TYR D 145 25.27 16.18 1.57
C TYR D 145 23.92 15.98 2.25
N VAL D 146 22.94 16.81 1.88
CA VAL D 146 21.63 16.81 2.52
C VAL D 146 20.52 16.55 1.51
N ASN D 147 20.46 17.38 0.49
CA ASN D 147 19.51 17.22 -0.60
C ASN D 147 20.14 17.40 -1.99
N PRO D 148 20.80 16.37 -2.49
CA PRO D 148 21.45 16.44 -3.79
C PRO D 148 20.46 16.52 -4.95
N LEU D 149 19.29 15.91 -4.81
CA LEU D 149 18.32 15.85 -5.89
C LEU D 149 17.37 17.05 -5.87
N GLY D 150 17.48 17.88 -4.83
CA GLY D 150 16.62 19.04 -4.70
C GLY D 150 15.19 18.65 -4.38
N PHE D 151 15.04 17.60 -3.58
CA PHE D 151 13.73 17.18 -3.10
C PHE D 151 13.15 18.25 -2.16
N ARG D 152 11.86 18.52 -2.30
CA ARG D 152 11.19 19.53 -1.48
C ARG D 152 9.73 19.15 -1.20
N VAL D 153 9.27 19.43 0.02
CA VAL D 153 7.89 19.19 0.39
C VAL D 153 7.03 20.42 0.11
N THR D 154 5.87 20.20 -0.52
CA THR D 154 5.00 21.28 -0.95
C THR D 154 3.80 21.46 -0.02
N SER D 155 3.35 20.37 0.56
CA SER D 155 2.33 20.41 1.58
C SER D 155 2.49 19.31 2.61
N TYR D 156 2.65 19.70 3.85
CA TYR D 156 2.87 18.75 4.93
C TYR D 156 1.77 18.83 5.99
N ARG D 157 1.18 17.68 6.31
CA ARG D 157 0.13 17.61 7.33
C ARG D 157 0.21 16.29 8.09
N VAL D 158 0.05 16.35 9.41
CA VAL D 158 0.15 15.18 10.27
C VAL D 158 -1.08 15.02 11.15
N ASN D 159 -1.55 13.78 11.28
CA ASN D 159 -2.69 13.46 12.13
C ASN D 159 -2.57 12.05 12.72
N PRO D 160 -3.31 11.79 13.79
CA PRO D 160 -3.35 10.49 14.47
C PRO D 160 -4.30 9.49 13.79
N GLU D 161 -4.38 8.28 14.33
CA GLU D 161 -5.24 7.24 13.77
C GLU D 161 -6.31 6.84 14.77
C1 FOA E . -22.64 -26.13 12.34
C2 FOA E . -21.95 -24.98 13.06
C3 FOA E . -22.50 -23.73 13.32
C4 FOA E . -21.55 -22.97 14.00
C5 FOA E . -20.40 -23.75 14.14
O6 FOA E . -23.29 -26.97 13.02
O7 FOA E . -22.54 -26.24 11.10
O8 FOA E . -20.66 -24.99 13.57
H3 FOA E . -23.41 -23.45 13.09
H4 FOA E . -21.67 -22.06 14.31
H5 FOA E . -19.58 -23.47 14.57
C1 FOA F . -13.27 -17.50 14.45
C2 FOA F . -14.57 -17.49 13.67
C3 FOA F . -15.82 -17.18 14.19
C4 FOA F . -16.75 -17.26 13.15
C5 FOA F . -16.08 -17.62 12.00
O6 FOA F . -12.94 -16.51 15.15
O7 FOA F . -12.52 -18.51 14.41
O8 FOA F . -14.73 -17.76 12.31
H3 FOA F . -16.01 -16.94 15.12
H4 FOA F . -17.71 -17.10 13.23
H5 FOA F . -16.48 -17.77 11.11
#